data_3CDW
#
_entry.id   3CDW
#
_cell.length_a   74.213
_cell.length_b   74.213
_cell.length_c   285.591
_cell.angle_alpha   90.00
_cell.angle_beta   90.00
_cell.angle_gamma   90.00
#
_symmetry.space_group_name_H-M   'P 43 21 2'
#
loop_
_entity.id
_entity.type
_entity.pdbx_description
1 polymer 'RNA-directed RNA polymerase 3D-POL'
2 polymer 'Protein 3B'
3 non-polymer 'CHLORIDE ION'
4 non-polymer 'ACETATE ION'
5 non-polymer 'PYROPHOSPHATE 2-'
6 non-polymer GLYCEROL
7 water water
#
loop_
_entity_poly.entity_id
_entity_poly.type
_entity_poly.pdbx_seq_one_letter_code
_entity_poly.pdbx_strand_id
1 'polypeptide(L)'
;GEIEFIESSKDAGFPVINTPSKTKLEPSVFHQVFEGNKEPAVLRSGDPRLKANFEEAIFSKYIGNVNTHVDEYMLEAVDH
YAGQLATLDISTEPMKLEDAVYGTEGLEALDLTTSAGYPYVALGIKKRDILSKKTKDLTKLKECMDKYGLNLPMVTYVKD
ELRSIEKVAKGKSRLIEASSLNDSVAMRQTFGNLYKTFHLNPGVVTGSAVGCDPDLFWSKIPVMLDGHLIAFDYSGYDAS
LSPVWFACLKMLLEKLGYTHKETNYIDYLCNSHHLYRDKHYFVRGGMPSGCSGTSIFNSMINNIIIRTLMLKVYKGIDLD
QFRMIAYGDDVIASYPWPIDASLLAEAGKGYGLIMTPADKGECFNEVTWTNATFLKRYFRADEQYPFLVHPVMPMKDIHE
SIRWTKDPKNTQDHVRSLCLLAWHNGEHEYEEFIRKIRSVPVGRCLTLPAFSTLRRKWLDSFHHHHHH
;
A
2 'polypeptide(L)' GAYTGVPNQKPRVPTLRQAKVQ H
#
# COMPACT_ATOMS: atom_id res chain seq x y z
N GLY A 1 2.45 14.38 10.17
CA GLY A 1 1.02 14.64 10.31
C GLY A 1 0.66 14.89 11.75
N GLU A 2 -0.37 15.72 11.97
CA GLU A 2 -0.78 16.08 13.33
C GLU A 2 -2.25 16.44 13.44
N ILE A 3 -2.86 15.98 14.54
CA ILE A 3 -4.26 16.30 14.84
C ILE A 3 -4.33 17.71 15.40
N GLU A 4 -5.06 18.59 14.70
CA GLU A 4 -5.12 19.97 15.09
C GLU A 4 -6.36 20.45 15.80
N PHE A 5 -7.40 19.64 15.83
CA PHE A 5 -8.66 20.06 16.43
C PHE A 5 -9.53 18.82 16.50
N ILE A 6 -10.10 18.59 17.68
CA ILE A 6 -11.01 17.49 17.93
C ILE A 6 -12.28 18.03 18.58
N GLU A 7 -13.43 17.45 18.26
CA GLU A 7 -14.69 17.84 18.90
C GLU A 7 -15.65 16.66 18.82
N SER A 8 -16.64 16.65 19.72
CA SER A 8 -17.69 15.64 19.72
C SER A 8 -18.52 15.91 18.46
N SER A 9 -18.71 14.87 17.66
CA SER A 9 -19.43 15.00 16.40
C SER A 9 -20.80 15.70 16.55
N LYS A 10 -21.56 15.30 17.56
CA LYS A 10 -22.89 15.88 17.81
C LYS A 10 -22.93 17.42 17.90
N ASP A 11 -21.86 18.03 18.39
CA ASP A 11 -21.76 19.47 18.51
C ASP A 11 -21.73 20.13 17.15
N ALA A 12 -21.44 19.35 16.12
CA ALA A 12 -21.38 19.90 14.77
C ALA A 12 -22.40 19.23 13.87
N GLY A 13 -23.35 18.52 14.45
CA GLY A 13 -24.40 17.88 13.67
C GLY A 13 -24.11 16.57 12.95
N PHE A 14 -22.95 15.96 13.17
CA PHE A 14 -22.62 14.70 12.49
C PHE A 14 -23.13 13.58 13.36
N PRO A 15 -23.77 12.59 12.76
CA PRO A 15 -24.18 11.48 13.63
C PRO A 15 -22.92 10.64 13.93
N VAL A 16 -23.03 9.76 14.91
CA VAL A 16 -21.94 8.87 15.30
C VAL A 16 -21.72 7.83 14.17
N ILE A 17 -20.47 7.58 13.78
CA ILE A 17 -20.20 6.52 12.79
C ILE A 17 -20.23 5.22 13.55
N ASN A 18 -21.15 4.35 13.19
CA ASN A 18 -21.26 3.11 13.94
C ASN A 18 -20.33 2.10 13.32
N THR A 19 -19.03 2.24 13.58
CA THR A 19 -18.10 1.29 12.97
C THR A 19 -18.03 -0.01 13.76
N PRO A 20 -17.91 -1.14 13.06
CA PRO A 20 -17.91 -2.43 13.75
C PRO A 20 -16.86 -2.50 14.86
N SER A 21 -17.24 -3.05 16.00
CA SER A 21 -16.33 -3.17 17.13
C SER A 21 -15.81 -4.60 17.38
N LYS A 22 -16.32 -5.55 16.58
CA LYS A 22 -15.95 -6.96 16.67
C LYS A 22 -15.30 -7.36 15.37
N THR A 23 -14.26 -8.17 15.46
CA THR A 23 -13.54 -8.58 14.27
C THR A 23 -14.38 -9.58 13.47
N LYS A 24 -14.31 -9.46 12.15
CA LYS A 24 -14.92 -10.43 11.26
C LYS A 24 -13.98 -11.66 11.12
N LEU A 25 -12.73 -11.54 11.58
CA LEU A 25 -11.80 -12.67 11.50
C LEU A 25 -12.13 -13.71 12.58
N GLU A 26 -12.28 -14.97 12.16
CA GLU A 26 -12.52 -16.09 13.07
C GLU A 26 -11.50 -17.16 12.75
N PRO A 27 -11.20 -18.01 13.73
CA PRO A 27 -10.27 -19.13 13.45
C PRO A 27 -10.83 -19.96 12.30
N SER A 28 -9.99 -20.34 11.34
CA SER A 28 -10.46 -21.15 10.20
C SER A 28 -10.33 -22.63 10.54
N VAL A 29 -10.82 -23.46 9.63
CA VAL A 29 -10.72 -24.90 9.78
C VAL A 29 -9.25 -25.33 9.84
N PHE A 30 -8.35 -24.45 9.36
CA PHE A 30 -6.91 -24.77 9.36
C PHE A 30 -6.15 -24.20 10.53
N HIS A 31 -6.86 -23.52 11.42
CA HIS A 31 -6.26 -22.93 12.62
C HIS A 31 -5.47 -23.95 13.44
N GLN A 32 -6.01 -25.13 13.62
CA GLN A 32 -5.28 -26.10 14.41
C GLN A 32 -4.24 -26.88 13.62
N VAL A 33 -4.41 -26.92 12.31
CA VAL A 33 -3.46 -27.62 11.43
C VAL A 33 -2.08 -26.95 11.43
N PHE A 34 -2.08 -25.63 11.28
CA PHE A 34 -0.83 -24.89 11.16
C PHE A 34 -0.52 -24.07 12.41
N GLU A 35 0.73 -23.64 12.50
CA GLU A 35 1.18 -22.79 13.60
C GLU A 35 1.17 -21.29 13.21
N GLY A 36 1.02 -20.42 14.19
CA GLY A 36 1.01 -19.00 13.94
C GLY A 36 0.88 -18.22 15.24
N ASN A 37 1.27 -16.96 15.23
CA ASN A 37 1.18 -16.13 16.43
C ASN A 37 0.32 -14.90 16.22
N LYS A 38 -0.09 -14.63 14.99
CA LYS A 38 -0.91 -13.46 14.74
C LYS A 38 -2.37 -13.64 15.11
N GLU A 39 -2.98 -12.53 15.53
CA GLU A 39 -4.37 -12.52 15.91
C GLU A 39 -4.97 -11.31 15.32
N PRO A 40 -6.30 -11.21 15.36
CA PRO A 40 -6.97 -10.01 14.86
C PRO A 40 -6.55 -8.79 15.66
N ALA A 41 -6.31 -7.70 14.94
CA ALA A 41 -5.99 -6.41 15.54
C ALA A 41 -7.09 -6.02 16.53
N VAL A 42 -6.72 -5.21 17.51
CA VAL A 42 -7.66 -4.66 18.48
C VAL A 42 -8.51 -3.65 17.73
N LEU A 43 -9.83 -3.73 17.93
CA LEU A 43 -10.75 -2.84 17.24
C LEU A 43 -11.53 -1.93 18.22
N ARG A 44 -11.41 -2.22 19.51
CA ARG A 44 -12.12 -1.46 20.53
C ARG A 44 -11.29 -1.31 21.81
N SER A 45 -11.55 -0.21 22.53
CA SER A 45 -10.85 0.13 23.78
C SER A 45 -10.91 -0.95 24.88
N GLY A 46 -12.01 -1.70 24.93
CA GLY A 46 -12.22 -2.66 25.97
C GLY A 46 -11.61 -4.03 25.76
N ASP A 47 -10.88 -4.21 24.66
CA ASP A 47 -10.31 -5.50 24.34
C ASP A 47 -9.46 -6.03 25.47
N PRO A 48 -9.80 -7.23 25.97
CA PRO A 48 -9.02 -7.75 27.10
C PRO A 48 -7.55 -8.08 26.83
N ARG A 49 -7.14 -8.10 25.56
CA ARG A 49 -5.75 -8.42 25.20
C ARG A 49 -4.85 -7.17 25.26
N LEU A 50 -5.48 -6.00 25.36
CA LEU A 50 -4.76 -4.73 25.43
C LEU A 50 -3.83 -4.63 26.65
N LYS A 51 -2.66 -4.04 26.43
CA LYS A 51 -1.70 -3.80 27.51
C LYS A 51 -1.20 -2.35 27.34
N ALA A 52 -2.03 -1.54 26.71
CA ALA A 52 -1.72 -0.15 26.51
C ALA A 52 -3.04 0.52 26.20
N ASN A 53 -3.03 1.85 26.14
CA ASN A 53 -4.26 2.59 25.89
C ASN A 53 -4.53 2.56 24.39
N PHE A 54 -5.69 2.04 23.99
CA PHE A 54 -6.04 1.89 22.59
C PHE A 54 -6.03 3.18 21.77
N GLU A 55 -6.93 4.09 22.14
CA GLU A 55 -7.07 5.33 21.40
C GLU A 55 -5.77 6.09 21.24
N GLU A 56 -4.95 6.08 22.29
CA GLU A 56 -3.65 6.71 22.24
C GLU A 56 -2.79 6.00 21.20
N ALA A 57 -2.79 4.67 21.24
CA ALA A 57 -1.96 3.89 20.32
C ALA A 57 -2.31 4.16 18.87
N ILE A 58 -3.60 4.08 18.54
CA ILE A 58 -4.03 4.25 17.17
C ILE A 58 -3.76 5.62 16.57
N PHE A 59 -3.84 6.65 17.40
CA PHE A 59 -3.58 8.00 16.91
C PHE A 59 -2.13 8.48 17.08
N SER A 60 -1.31 7.65 17.73
CA SER A 60 0.09 7.93 17.99
C SER A 60 1.01 8.08 16.78
N LYS A 61 0.60 7.59 15.60
CA LYS A 61 1.48 7.73 14.44
C LYS A 61 1.48 9.15 13.88
N TYR A 62 0.57 9.98 14.38
CA TYR A 62 0.54 11.39 14.02
C TYR A 62 1.59 12.09 14.91
N ILE A 63 2.88 11.86 14.58
CA ILE A 63 4.03 12.32 15.38
C ILE A 63 4.34 13.80 15.28
N GLY A 64 3.65 14.50 14.38
CA GLY A 64 3.90 15.89 14.22
C GLY A 64 4.37 16.23 12.84
N ASN A 65 4.66 17.51 12.67
CA ASN A 65 5.14 18.05 11.41
C ASN A 65 6.42 18.84 11.64
N VAL A 66 7.29 18.85 10.64
CA VAL A 66 8.47 19.69 10.69
C VAL A 66 7.94 20.88 9.91
N ASN A 67 8.15 22.07 10.40
CA ASN A 67 7.60 23.21 9.68
C ASN A 67 8.63 23.90 8.82
N THR A 68 8.92 23.29 7.67
CA THR A 68 9.93 23.80 6.77
C THR A 68 9.35 24.17 5.43
N HIS A 69 10.12 24.96 4.69
CA HIS A 69 9.81 25.34 3.33
C HIS A 69 10.36 24.19 2.44
N VAL A 70 9.98 24.17 1.18
CA VAL A 70 10.56 23.23 0.25
C VAL A 70 12.02 23.72 0.03
N ASP A 71 13.00 22.92 0.45
CA ASP A 71 14.40 23.31 0.36
C ASP A 71 15.11 22.97 -0.96
N GLU A 72 16.40 23.31 -1.05
CA GLU A 72 17.17 23.08 -2.28
C GLU A 72 17.23 21.59 -2.64
N TYR A 73 17.46 20.75 -1.63
CA TYR A 73 17.52 19.33 -1.86
C TYR A 73 16.22 18.81 -2.45
N MET A 74 15.10 19.19 -1.84
CA MET A 74 13.78 18.80 -2.35
C MET A 74 13.53 19.24 -3.78
N LEU A 75 13.91 20.47 -4.09
CA LEU A 75 13.72 21.01 -5.43
C LEU A 75 14.44 20.21 -6.52
N GLU A 76 15.69 19.86 -6.24
CA GLU A 76 16.45 19.07 -7.20
C GLU A 76 15.86 17.66 -7.29
N ALA A 77 15.42 17.12 -6.16
CA ALA A 77 14.80 15.80 -6.14
C ALA A 77 13.53 15.77 -7.01
N VAL A 78 12.74 16.82 -6.90
CA VAL A 78 11.51 16.92 -7.65
C VAL A 78 11.82 16.99 -9.13
N ASP A 79 12.81 17.83 -9.45
CA ASP A 79 13.24 17.97 -10.84
C ASP A 79 13.74 16.63 -11.39
N HIS A 80 14.58 15.94 -10.63
CA HIS A 80 15.09 14.66 -11.13
C HIS A 80 14.00 13.62 -11.40
N TYR A 81 13.08 13.47 -10.43
CA TYR A 81 11.97 12.53 -10.57
C TYR A 81 10.97 12.98 -11.65
N ALA A 82 10.70 14.29 -11.74
CA ALA A 82 9.80 14.79 -12.80
C ALA A 82 10.38 14.47 -14.19
N GLY A 83 11.71 14.50 -14.30
CA GLY A 83 12.37 14.17 -15.55
C GLY A 83 12.07 12.77 -16.01
N GLN A 84 12.03 11.82 -15.06
CA GLN A 84 11.67 10.44 -15.38
C GLN A 84 10.20 10.34 -15.77
N LEU A 85 9.34 10.91 -14.94
CA LEU A 85 7.92 10.82 -15.23
C LEU A 85 7.54 11.41 -16.59
N ALA A 86 8.26 12.46 -17.00
CA ALA A 86 8.05 13.13 -18.28
C ALA A 86 8.15 12.19 -19.46
N THR A 87 9.08 11.25 -19.41
CA THR A 87 9.25 10.31 -20.51
C THR A 87 8.02 9.44 -20.73
N LEU A 88 7.10 9.44 -19.75
CA LEU A 88 5.90 8.60 -19.77
C LEU A 88 4.69 9.22 -20.46
N ASP A 89 4.76 10.53 -20.72
CA ASP A 89 3.68 11.25 -21.40
C ASP A 89 2.32 11.00 -20.74
N ILE A 90 2.27 11.25 -19.43
CA ILE A 90 1.06 11.11 -18.65
C ILE A 90 0.08 12.20 -19.10
N SER A 91 -1.12 11.78 -19.51
CA SER A 91 -2.13 12.76 -19.88
C SER A 91 -2.73 13.37 -18.64
N THR A 92 -2.79 14.70 -18.60
CA THR A 92 -3.42 15.39 -17.50
C THR A 92 -4.86 15.75 -17.84
N GLU A 93 -5.37 15.13 -18.91
CA GLU A 93 -6.77 15.33 -19.29
C GLU A 93 -7.62 14.48 -18.33
N PRO A 94 -8.79 14.99 -17.90
CA PRO A 94 -9.63 14.22 -17.00
C PRO A 94 -9.97 12.89 -17.62
N MET A 95 -10.16 11.87 -16.79
CA MET A 95 -10.52 10.58 -17.31
C MET A 95 -12.04 10.61 -17.40
N LYS A 96 -12.59 10.11 -18.50
CA LYS A 96 -14.04 10.10 -18.69
C LYS A 96 -14.72 9.34 -17.53
N LEU A 97 -15.77 9.95 -16.97
CA LEU A 97 -16.50 9.39 -15.84
C LEU A 97 -16.73 7.88 -15.84
N GLU A 98 -17.19 7.33 -16.95
CA GLU A 98 -17.48 5.90 -16.99
C GLU A 98 -16.22 5.05 -16.83
N ASP A 99 -15.12 5.54 -17.41
CA ASP A 99 -13.82 4.85 -17.35
C ASP A 99 -13.34 4.89 -15.90
N ALA A 100 -13.50 6.04 -15.25
CA ALA A 100 -13.12 6.26 -13.87
C ALA A 100 -13.88 5.40 -12.86
N VAL A 101 -15.15 5.08 -13.18
CA VAL A 101 -16.02 4.34 -12.28
C VAL A 101 -16.12 2.87 -12.55
N TYR A 102 -16.32 2.52 -13.82
CA TYR A 102 -16.59 1.13 -14.16
C TYR A 102 -15.47 0.29 -14.72
N GLY A 103 -14.27 0.86 -14.79
CA GLY A 103 -13.14 0.07 -15.24
C GLY A 103 -12.61 0.51 -16.58
N THR A 104 -11.32 0.27 -16.79
CA THR A 104 -10.68 0.60 -18.05
C THR A 104 -9.28 0.02 -17.97
N GLU A 105 -8.54 0.07 -19.07
CA GLU A 105 -7.20 -0.53 -19.05
C GLU A 105 -6.26 0.21 -18.09
N GLY A 106 -5.71 -0.54 -17.13
CA GLY A 106 -4.82 0.06 -16.16
C GLY A 106 -5.50 0.68 -14.94
N LEU A 107 -6.84 0.65 -14.90
CA LEU A 107 -7.58 1.16 -13.75
C LEU A 107 -8.86 0.36 -13.52
N GLU A 108 -8.78 -0.60 -12.61
CA GLU A 108 -9.92 -1.44 -12.30
C GLU A 108 -11.10 -0.61 -11.84
N ALA A 109 -12.28 -1.18 -12.02
CA ALA A 109 -13.53 -0.58 -11.58
C ALA A 109 -13.49 -0.24 -10.09
N LEU A 110 -14.14 0.85 -9.73
CA LEU A 110 -14.25 1.29 -8.36
C LEU A 110 -14.81 0.09 -7.58
N ASP A 111 -14.15 -0.26 -6.48
CA ASP A 111 -14.57 -1.44 -5.70
C ASP A 111 -15.96 -1.15 -5.11
N LEU A 112 -16.94 -1.95 -5.47
CA LEU A 112 -18.29 -1.74 -4.98
C LEU A 112 -18.52 -2.39 -3.61
N THR A 113 -17.47 -2.97 -3.04
CA THR A 113 -17.62 -3.64 -1.76
C THR A 113 -17.09 -2.83 -0.59
N THR A 114 -16.33 -1.77 -0.86
CA THR A 114 -15.80 -0.96 0.21
C THR A 114 -16.79 0.14 0.56
N SER A 115 -16.52 0.82 1.67
CA SER A 115 -17.36 1.92 2.19
C SER A 115 -17.57 3.07 1.21
N ALA A 116 -18.82 3.51 1.07
CA ALA A 116 -19.14 4.70 0.25
C ALA A 116 -18.81 5.99 1.02
N GLY A 117 -18.38 5.87 2.27
CA GLY A 117 -18.05 7.04 3.07
C GLY A 117 -19.22 7.94 3.45
N TYR A 118 -18.93 9.18 3.81
CA TYR A 118 -19.92 10.15 4.25
C TYR A 118 -20.52 10.90 3.06
N PRO A 119 -21.82 11.21 3.10
CA PRO A 119 -22.84 10.98 4.13
C PRO A 119 -23.51 9.63 4.00
N TYR A 120 -23.23 8.96 2.89
CA TYR A 120 -23.80 7.66 2.59
C TYR A 120 -23.85 6.65 3.72
N VAL A 121 -22.76 6.51 4.47
CA VAL A 121 -22.75 5.54 5.57
C VAL A 121 -23.75 5.88 6.64
N ALA A 122 -24.08 7.17 6.76
CA ALA A 122 -25.01 7.64 7.78
C ALA A 122 -26.47 7.43 7.34
N LEU A 123 -26.68 7.34 6.02
CA LEU A 123 -27.99 7.20 5.37
C LEU A 123 -28.30 5.77 4.94
N GLY A 124 -27.41 4.83 5.29
CA GLY A 124 -27.56 3.44 4.89
C GLY A 124 -27.49 3.26 3.39
N ILE A 125 -26.89 4.21 2.69
CA ILE A 125 -26.74 4.10 1.22
C ILE A 125 -25.35 3.50 0.90
N LYS A 126 -25.38 2.35 0.24
CA LYS A 126 -24.20 1.57 -0.10
C LYS A 126 -23.78 1.88 -1.53
N LYS A 127 -22.51 1.61 -1.88
CA LYS A 127 -22.06 1.87 -3.25
C LYS A 127 -22.99 1.23 -4.27
N ARG A 128 -23.46 0.02 -3.96
CA ARG A 128 -24.34 -0.74 -4.86
C ARG A 128 -25.72 -0.10 -5.08
N ASP A 129 -26.13 0.78 -4.17
CA ASP A 129 -27.40 1.47 -4.29
C ASP A 129 -27.25 2.62 -5.24
N ILE A 130 -26.02 2.94 -5.62
CA ILE A 130 -25.76 4.09 -6.48
C ILE A 130 -25.22 3.66 -7.82
N LEU A 131 -24.39 2.63 -7.77
CA LEU A 131 -23.67 2.13 -8.94
C LEU A 131 -24.12 0.77 -9.36
N SER A 132 -23.95 0.50 -10.66
CA SER A 132 -24.34 -0.79 -11.21
C SER A 132 -23.34 -1.34 -12.22
N LYS A 133 -22.71 -2.45 -11.88
CA LYS A 133 -21.78 -3.06 -12.82
C LYS A 133 -22.51 -3.40 -14.12
N LYS A 134 -23.66 -4.06 -14.01
CA LYS A 134 -24.49 -4.47 -15.14
C LYS A 134 -24.87 -3.36 -16.10
N THR A 135 -25.42 -2.27 -15.57
CA THR A 135 -25.91 -1.16 -16.39
C THR A 135 -24.92 -0.03 -16.64
N LYS A 136 -23.84 0.03 -15.87
CA LYS A 136 -22.87 1.12 -15.99
C LYS A 136 -23.57 2.45 -15.83
N ASP A 137 -24.65 2.45 -15.05
CA ASP A 137 -25.42 3.65 -14.82
C ASP A 137 -24.61 4.68 -14.05
N LEU A 138 -24.77 5.95 -14.42
CA LEU A 138 -24.06 7.06 -13.80
C LEU A 138 -25.02 8.18 -13.38
N THR A 139 -26.30 8.02 -13.73
CA THR A 139 -27.31 9.04 -13.41
C THR A 139 -27.47 9.29 -11.92
N LYS A 140 -27.52 8.21 -11.14
CA LYS A 140 -27.65 8.30 -9.69
C LYS A 140 -26.39 8.91 -9.07
N LEU A 141 -25.22 8.46 -9.56
CA LEU A 141 -23.94 8.97 -9.08
C LEU A 141 -23.89 10.48 -9.26
N LYS A 142 -24.21 10.92 -10.47
CA LYS A 142 -24.22 12.36 -10.76
C LYS A 142 -25.19 13.11 -9.84
N GLU A 143 -26.35 12.52 -9.56
CA GLU A 143 -27.30 13.18 -8.69
C GLU A 143 -26.63 13.36 -7.34
N CYS A 144 -25.97 12.30 -6.91
CA CYS A 144 -25.30 12.25 -5.61
C CYS A 144 -24.14 13.22 -5.56
N MET A 145 -23.36 13.27 -6.63
CA MET A 145 -22.26 14.20 -6.65
C MET A 145 -22.74 15.65 -6.60
N ASP A 146 -23.83 15.94 -7.31
CA ASP A 146 -24.41 17.28 -7.31
C ASP A 146 -25.04 17.61 -5.97
N LYS A 147 -25.77 16.67 -5.41
CA LYS A 147 -26.45 16.93 -4.15
C LYS A 147 -25.47 17.19 -3.01
N TYR A 148 -24.55 16.25 -2.80
CA TYR A 148 -23.61 16.37 -1.70
C TYR A 148 -22.26 17.07 -1.97
N GLY A 149 -21.90 17.23 -3.24
CA GLY A 149 -20.67 17.93 -3.58
C GLY A 149 -19.39 17.21 -3.21
N LEU A 150 -18.30 17.99 -3.11
CA LEU A 150 -16.97 17.46 -2.82
C LEU A 150 -16.34 17.95 -1.54
N ASN A 151 -15.13 17.48 -1.26
CA ASN A 151 -14.44 17.88 -0.04
C ASN A 151 -15.20 17.49 1.23
N LEU A 152 -15.80 16.30 1.19
CA LEU A 152 -16.56 15.77 2.33
C LEU A 152 -15.66 15.12 3.36
N PRO A 153 -16.17 14.96 4.58
CA PRO A 153 -15.20 14.37 5.52
C PRO A 153 -14.86 12.93 5.18
N MET A 154 -13.72 12.45 5.69
CA MET A 154 -13.31 11.03 5.52
C MET A 154 -13.81 10.29 6.74
N VAL A 155 -14.12 9.02 6.59
CA VAL A 155 -14.53 8.22 7.73
C VAL A 155 -13.36 7.34 8.16
N THR A 156 -12.98 7.42 9.42
CA THR A 156 -11.87 6.67 9.95
C THR A 156 -12.33 5.35 10.52
N TYR A 157 -11.70 4.29 10.07
CA TYR A 157 -12.02 2.96 10.54
C TYR A 157 -10.70 2.38 11.02
N VAL A 158 -10.80 1.42 11.94
CA VAL A 158 -9.64 0.67 12.39
C VAL A 158 -9.58 -0.53 11.43
N LYS A 159 -8.40 -0.80 10.88
CA LYS A 159 -8.29 -1.90 9.92
C LYS A 159 -8.40 -3.24 10.64
N ASP A 160 -9.36 -4.07 10.21
CA ASP A 160 -9.62 -5.40 10.75
C ASP A 160 -8.68 -6.37 10.00
N GLU A 161 -7.57 -6.79 10.62
CA GLU A 161 -6.58 -7.61 9.91
C GLU A 161 -5.75 -8.28 10.98
N LEU A 162 -5.00 -9.31 10.61
CA LEU A 162 -4.12 -9.98 11.56
C LEU A 162 -2.93 -9.10 11.95
N ARG A 163 -2.50 -9.19 13.21
CA ARG A 163 -1.36 -8.43 13.71
C ARG A 163 -0.54 -9.28 14.67
N SER A 164 0.71 -8.95 14.84
CA SER A 164 1.58 -9.69 15.75
C SER A 164 1.10 -9.57 17.20
N ILE A 165 1.57 -10.48 18.04
CA ILE A 165 1.23 -10.50 19.48
C ILE A 165 1.56 -9.13 20.12
N GLU A 166 2.73 -8.60 19.77
CA GLU A 166 3.16 -7.35 20.31
C GLU A 166 2.29 -6.17 19.86
N LYS A 167 1.84 -6.17 18.61
CA LYS A 167 1.00 -5.08 18.09
C LYS A 167 -0.44 -5.15 18.64
N VAL A 168 -0.85 -6.35 19.03
CA VAL A 168 -2.17 -6.53 19.65
C VAL A 168 -2.09 -5.91 21.06
N ALA A 169 -1.09 -6.33 21.83
CA ALA A 169 -0.83 -5.87 23.21
C ALA A 169 -0.71 -4.36 23.31
N LYS A 170 -0.03 -3.76 22.33
CA LYS A 170 0.16 -2.33 22.31
C LYS A 170 -0.99 -1.58 21.65
N GLY A 171 -2.00 -2.29 21.20
CA GLY A 171 -3.13 -1.64 20.54
C GLY A 171 -2.69 -0.92 19.29
N LYS A 172 -1.57 -1.34 18.71
CA LYS A 172 -1.06 -0.69 17.49
C LYS A 172 -1.82 -1.11 16.23
N SER A 173 -3.14 -0.86 16.21
CA SER A 173 -3.99 -1.19 15.10
C SER A 173 -3.89 -0.08 14.09
N ARG A 174 -4.05 -0.40 12.81
CA ARG A 174 -3.93 0.57 11.74
C ARG A 174 -5.25 1.21 11.38
N LEU A 175 -5.22 2.50 11.11
CA LEU A 175 -6.41 3.25 10.72
C LEU A 175 -6.38 3.43 9.22
N ILE A 176 -7.55 3.31 8.61
CA ILE A 176 -7.71 3.60 7.19
C ILE A 176 -8.88 4.59 7.05
N GLU A 177 -8.83 5.40 6.01
CA GLU A 177 -9.84 6.41 5.77
C GLU A 177 -10.67 5.99 4.60
N ALA A 178 -11.96 6.22 4.71
CA ALA A 178 -12.88 5.94 3.61
C ALA A 178 -13.22 7.33 3.07
N SER A 179 -12.71 7.65 1.88
CA SER A 179 -13.00 8.91 1.22
C SER A 179 -14.47 8.81 0.79
N SER A 180 -15.20 9.92 0.76
CA SER A 180 -16.59 9.84 0.29
C SER A 180 -16.55 9.38 -1.17
N LEU A 181 -17.57 8.62 -1.56
CA LEU A 181 -17.66 8.17 -2.95
C LEU A 181 -17.52 9.36 -3.91
N ASN A 182 -18.01 10.53 -3.51
CA ASN A 182 -17.93 11.71 -4.38
C ASN A 182 -16.48 12.13 -4.60
N ASP A 183 -15.70 12.14 -3.53
CA ASP A 183 -14.28 12.54 -3.64
C ASP A 183 -13.41 11.47 -4.33
N SER A 184 -13.76 10.21 -4.11
CA SER A 184 -13.06 9.12 -4.76
C SER A 184 -13.20 9.25 -6.27
N VAL A 185 -14.45 9.49 -6.70
CA VAL A 185 -14.75 9.63 -8.10
C VAL A 185 -14.08 10.84 -8.72
N ALA A 186 -14.21 11.99 -8.08
CA ALA A 186 -13.59 13.19 -8.63
C ALA A 186 -12.07 13.04 -8.74
N MET A 187 -11.46 12.38 -7.75
CA MET A 187 -10.02 12.13 -7.76
C MET A 187 -9.60 11.14 -8.85
N ARG A 188 -10.41 10.12 -9.08
CA ARG A 188 -10.14 9.17 -10.15
C ARG A 188 -10.31 9.84 -11.53
N GLN A 189 -11.15 10.86 -11.62
CA GLN A 189 -11.27 11.55 -12.90
C GLN A 189 -10.05 12.42 -13.11
N THR A 190 -9.69 13.14 -12.06
CA THR A 190 -8.56 14.06 -12.14
C THR A 190 -7.23 13.34 -12.39
N PHE A 191 -6.98 12.24 -11.66
CA PHE A 191 -5.70 11.55 -11.75
C PHE A 191 -5.75 10.19 -12.38
N GLY A 192 -6.91 9.79 -12.88
CA GLY A 192 -7.01 8.47 -13.45
C GLY A 192 -5.96 8.12 -14.46
N ASN A 193 -5.61 9.03 -15.36
CA ASN A 193 -4.64 8.69 -16.41
C ASN A 193 -3.25 8.46 -15.80
N LEU A 194 -2.96 9.20 -14.73
CA LEU A 194 -1.73 9.02 -13.98
C LEU A 194 -1.79 7.66 -13.27
N TYR A 195 -2.93 7.34 -12.67
CA TYR A 195 -3.07 6.01 -12.03
C TYR A 195 -2.82 4.90 -13.07
N LYS A 196 -3.46 5.03 -14.22
CA LYS A 196 -3.33 4.04 -15.30
C LYS A 196 -1.87 3.89 -15.77
N THR A 197 -1.22 5.02 -16.04
CA THR A 197 0.18 5.00 -16.47
C THR A 197 1.06 4.33 -15.41
N PHE A 198 0.83 4.68 -14.15
CA PHE A 198 1.60 4.04 -13.10
C PHE A 198 1.30 2.57 -13.09
N HIS A 199 0.02 2.18 -13.05
CA HIS A 199 -0.30 0.73 -13.00
C HIS A 199 0.28 -0.04 -14.18
N LEU A 200 0.28 0.57 -15.36
CA LEU A 200 0.81 -0.13 -16.53
C LEU A 200 2.32 -0.15 -16.62
N ASN A 201 2.99 0.67 -15.81
CA ASN A 201 4.44 0.82 -15.85
C ASN A 201 5.15 0.69 -14.54
N PRO A 202 4.97 -0.45 -13.84
CA PRO A 202 5.71 -0.61 -12.58
C PRO A 202 7.20 -0.73 -12.95
N GLY A 203 8.09 -0.21 -12.10
CA GLY A 203 9.51 -0.25 -12.38
C GLY A 203 10.25 1.02 -11.98
N VAL A 204 11.41 1.22 -12.60
CA VAL A 204 12.31 2.30 -12.24
C VAL A 204 12.08 3.63 -12.90
N VAL A 205 11.11 3.72 -13.81
CA VAL A 205 10.78 5.00 -14.43
C VAL A 205 9.71 5.72 -13.57
N THR A 206 8.65 5.00 -13.27
CA THR A 206 7.64 5.52 -12.33
C THR A 206 8.23 5.42 -10.94
N GLY A 207 9.17 4.50 -10.73
CA GLY A 207 9.75 4.27 -9.41
C GLY A 207 8.65 3.72 -8.51
N SER A 208 7.72 2.98 -9.11
CA SER A 208 6.56 2.43 -8.43
C SER A 208 6.35 0.96 -8.71
N ALA A 209 5.81 0.22 -7.74
CA ALA A 209 5.46 -1.19 -7.94
C ALA A 209 3.94 -1.33 -7.75
N VAL A 210 3.24 -0.22 -7.51
CA VAL A 210 1.79 -0.29 -7.29
C VAL A 210 1.09 -0.95 -8.49
N GLY A 211 0.28 -1.96 -8.20
CA GLY A 211 -0.43 -2.71 -9.21
C GLY A 211 0.36 -3.80 -9.93
N CYS A 212 1.59 -4.05 -9.49
CA CYS A 212 2.41 -5.06 -10.13
C CYS A 212 1.92 -6.47 -9.83
N ASP A 213 2.42 -7.44 -10.58
CA ASP A 213 2.11 -8.83 -10.39
C ASP A 213 3.48 -9.44 -10.05
N PRO A 214 3.71 -9.72 -8.78
CA PRO A 214 5.03 -10.19 -8.39
C PRO A 214 5.56 -11.39 -9.19
N ASP A 215 4.68 -12.30 -9.56
CA ASP A 215 5.05 -13.50 -10.32
C ASP A 215 5.83 -13.13 -11.57
N LEU A 216 5.46 -12.00 -12.17
CA LEU A 216 6.06 -11.50 -13.39
C LEU A 216 7.16 -10.46 -13.12
N PHE A 217 6.83 -9.53 -12.21
CA PHE A 217 7.68 -8.39 -11.89
C PHE A 217 9.01 -8.75 -11.23
N TRP A 218 9.02 -9.76 -10.40
CA TRP A 218 10.25 -10.12 -9.70
C TRP A 218 11.49 -10.34 -10.58
N SER A 219 11.27 -10.90 -11.76
CA SER A 219 12.34 -11.25 -12.70
C SER A 219 12.93 -10.00 -13.33
N LYS A 220 12.17 -8.92 -13.30
CA LYS A 220 12.63 -7.64 -13.85
C LYS A 220 13.42 -6.84 -12.83
N ILE A 221 13.02 -6.92 -11.58
CA ILE A 221 13.67 -6.12 -10.55
C ILE A 221 15.19 -6.21 -10.52
N PRO A 222 15.77 -7.42 -10.64
CA PRO A 222 17.25 -7.39 -10.52
C PRO A 222 17.89 -6.88 -11.82
N VAL A 223 17.11 -6.79 -12.87
CA VAL A 223 17.65 -6.26 -14.11
C VAL A 223 17.66 -4.74 -14.02
N MET A 224 16.63 -4.20 -13.37
CA MET A 224 16.45 -2.77 -13.17
C MET A 224 17.37 -2.25 -12.08
N LEU A 225 17.55 -3.00 -11.01
CA LEU A 225 18.37 -2.59 -9.87
C LEU A 225 19.68 -3.40 -9.89
N ASP A 226 20.65 -2.94 -10.67
CA ASP A 226 21.88 -3.71 -10.82
C ASP A 226 23.12 -3.28 -10.04
N GLY A 227 23.01 -2.32 -9.12
CA GLY A 227 24.15 -1.90 -8.30
C GLY A 227 24.10 -2.46 -6.89
N HIS A 228 24.61 -1.70 -5.92
CA HIS A 228 24.59 -2.12 -4.52
C HIS A 228 23.21 -1.74 -4.01
N LEU A 229 22.50 -2.72 -3.47
CA LEU A 229 21.14 -2.51 -3.03
C LEU A 229 21.04 -1.60 -1.83
N ILE A 230 19.94 -0.85 -1.80
CA ILE A 230 19.59 0.02 -0.71
C ILE A 230 18.16 -0.35 -0.33
N ALA A 231 17.93 -0.52 0.95
CA ALA A 231 16.61 -0.85 1.44
C ALA A 231 16.59 -0.49 2.94
N PHE A 232 15.46 -0.01 3.41
CA PHE A 232 15.28 0.29 4.83
C PHE A 232 13.78 0.38 5.02
N ASP A 233 13.36 0.45 6.28
CA ASP A 233 11.95 0.54 6.58
C ASP A 233 11.63 1.89 7.14
N TYR A 234 10.35 2.24 7.12
CA TYR A 234 9.88 3.45 7.80
C TYR A 234 8.97 2.99 8.93
N SER A 235 8.84 3.79 9.97
CA SER A 235 7.87 3.50 11.03
C SER A 235 6.76 4.54 10.82
N GLY A 236 5.52 4.11 10.64
CA GLY A 236 4.41 5.02 10.47
C GLY A 236 4.65 6.05 9.40
N TYR A 237 5.11 5.61 8.24
CA TYR A 237 5.38 6.50 7.12
C TYR A 237 4.25 7.47 6.83
N ASP A 238 3.07 6.95 6.51
CA ASP A 238 1.92 7.76 6.09
C ASP A 238 1.65 8.92 7.02
N ALA A 239 1.44 8.60 8.29
CA ALA A 239 1.13 9.64 9.26
C ALA A 239 2.30 10.59 9.59
N SER A 240 3.53 10.18 9.28
CA SER A 240 4.71 11.01 9.56
C SER A 240 4.94 12.06 8.50
N LEU A 241 4.31 11.92 7.34
CA LEU A 241 4.50 12.88 6.27
C LEU A 241 4.06 14.27 6.65
N SER A 242 4.99 15.22 6.58
CA SER A 242 4.69 16.62 6.90
C SER A 242 4.19 17.28 5.63
N PRO A 243 3.52 18.44 5.75
CA PRO A 243 2.98 19.15 4.59
C PRO A 243 4.02 19.45 3.52
N VAL A 244 5.27 19.66 3.95
CA VAL A 244 6.32 19.99 2.99
C VAL A 244 6.39 18.92 1.89
N TRP A 245 6.26 17.65 2.28
CA TRP A 245 6.27 16.57 1.27
C TRP A 245 5.08 16.67 0.31
N PHE A 246 3.93 17.13 0.80
CA PHE A 246 2.79 17.34 -0.10
C PHE A 246 3.04 18.53 -1.00
N ALA A 247 3.73 19.55 -0.46
CA ALA A 247 4.08 20.71 -1.28
C ALA A 247 4.96 20.19 -2.43
N CYS A 248 5.93 19.34 -2.10
CA CYS A 248 6.80 18.75 -3.14
C CYS A 248 5.98 17.96 -4.13
N LEU A 249 4.99 17.21 -3.63
CA LEU A 249 4.14 16.41 -4.51
C LEU A 249 3.35 17.34 -5.44
N LYS A 250 2.88 18.47 -4.92
CA LYS A 250 2.16 19.41 -5.79
C LYS A 250 3.05 20.01 -6.89
N MET A 251 4.32 20.31 -6.56
CA MET A 251 5.25 20.86 -7.55
C MET A 251 5.49 19.83 -8.63
N LEU A 252 5.59 18.58 -8.20
CA LEU A 252 5.84 17.50 -9.14
C LEU A 252 4.70 17.36 -10.12
N LEU A 253 3.47 17.41 -9.63
CA LEU A 253 2.29 17.27 -10.50
C LEU A 253 2.17 18.48 -11.43
N GLU A 254 2.54 19.66 -10.94
CA GLU A 254 2.52 20.83 -11.81
C GLU A 254 3.52 20.74 -12.96
N LYS A 255 4.71 20.22 -12.68
CA LYS A 255 5.67 19.98 -13.75
C LYS A 255 5.07 19.01 -14.74
N LEU A 256 4.27 18.06 -14.26
CA LEU A 256 3.66 17.07 -15.18
C LEU A 256 2.54 17.67 -16.05
N GLY A 257 2.14 18.91 -15.73
CA GLY A 257 1.14 19.56 -16.54
C GLY A 257 -0.19 19.80 -15.85
N TYR A 258 -0.31 19.40 -14.59
CA TYR A 258 -1.56 19.61 -13.87
C TYR A 258 -1.60 21.06 -13.47
N THR A 259 -2.80 21.63 -13.52
CA THR A 259 -3.00 23.01 -13.13
C THR A 259 -3.01 23.09 -11.61
N HIS A 260 -2.81 24.28 -11.08
CA HIS A 260 -2.84 24.49 -9.65
C HIS A 260 -4.18 24.00 -9.07
N LYS A 261 -5.27 24.27 -9.78
CA LYS A 261 -6.61 23.90 -9.32
C LYS A 261 -6.75 22.38 -9.25
N GLU A 262 -6.14 21.68 -10.20
CA GLU A 262 -6.14 20.23 -10.23
C GLU A 262 -5.36 19.60 -9.06
N THR A 263 -4.31 20.27 -8.59
CA THR A 263 -3.53 19.77 -7.46
C THR A 263 -4.17 20.07 -6.12
N ASN A 264 -5.33 20.73 -6.14
CA ASN A 264 -6.05 21.11 -4.94
C ASN A 264 -6.44 19.86 -4.17
N TYR A 265 -6.68 18.76 -4.89
CA TYR A 265 -7.04 17.52 -4.23
C TYR A 265 -5.92 17.03 -3.33
N ILE A 266 -4.70 17.51 -3.58
CA ILE A 266 -3.60 17.15 -2.70
C ILE A 266 -3.79 17.87 -1.35
N ASP A 267 -4.38 19.06 -1.36
CA ASP A 267 -4.64 19.77 -0.08
C ASP A 267 -5.68 19.01 0.71
N TYR A 268 -6.64 18.42 -0.01
CA TYR A 268 -7.68 17.59 0.61
C TYR A 268 -7.07 16.38 1.34
N LEU A 269 -6.03 15.78 0.77
CA LEU A 269 -5.36 14.65 1.40
C LEU A 269 -4.52 15.11 2.59
N CYS A 270 -3.81 16.22 2.41
CA CYS A 270 -2.93 16.74 3.46
C CYS A 270 -3.65 17.33 4.68
N ASN A 271 -4.49 18.33 4.44
CA ASN A 271 -5.22 19.03 5.52
C ASN A 271 -6.64 18.50 5.45
N SER A 272 -6.87 17.47 6.25
CA SER A 272 -8.03 16.64 6.15
C SER A 272 -9.00 16.67 7.31
N HIS A 273 -10.23 16.28 7.00
N HIS A 273 -10.27 16.42 7.01
CA HIS A 273 -11.37 16.36 7.91
CA HIS A 273 -11.30 16.41 8.04
C HIS A 273 -11.87 14.93 8.10
C HIS A 273 -11.89 15.00 8.13
N HIS A 274 -11.96 14.47 9.35
CA HIS A 274 -12.36 13.10 9.58
C HIS A 274 -13.45 12.92 10.60
N LEU A 275 -14.12 11.78 10.48
CA LEU A 275 -15.12 11.36 11.46
C LEU A 275 -14.62 10.05 11.99
N TYR A 276 -14.43 9.96 13.30
CA TYR A 276 -14.05 8.70 13.87
C TYR A 276 -15.08 8.42 14.96
N ARG A 277 -15.93 7.44 14.72
CA ARG A 277 -16.98 7.10 15.69
C ARG A 277 -17.80 8.33 16.09
N ASP A 278 -17.65 8.74 17.36
CA ASP A 278 -18.39 9.90 17.85
C ASP A 278 -17.60 11.21 17.85
N LYS A 279 -16.42 11.21 17.24
CA LYS A 279 -15.61 12.42 17.16
C LYS A 279 -15.43 12.90 15.74
N HIS A 280 -15.11 14.15 15.65
CA HIS A 280 -14.92 14.81 14.39
C HIS A 280 -13.59 15.56 14.57
N TYR A 281 -12.67 15.43 13.63
CA TYR A 281 -11.35 16.03 13.81
C TYR A 281 -10.62 16.43 12.55
N PHE A 282 -9.67 17.35 12.72
CA PHE A 282 -8.90 17.88 11.60
C PHE A 282 -7.44 17.51 11.79
N VAL A 283 -6.81 17.18 10.67
CA VAL A 283 -5.44 16.73 10.68
C VAL A 283 -4.67 17.59 9.70
N ARG A 284 -3.47 18.00 10.08
CA ARG A 284 -2.63 18.73 9.13
C ARG A 284 -1.43 17.84 8.79
N GLY A 285 -1.25 17.51 7.51
CA GLY A 285 -0.18 16.62 7.05
C GLY A 285 -0.59 15.18 7.26
N GLY A 286 0.22 14.22 6.81
CA GLY A 286 -0.06 12.81 6.91
C GLY A 286 -0.88 12.33 5.73
N MET A 287 -0.48 11.21 5.10
CA MET A 287 -1.25 10.69 3.96
C MET A 287 -2.42 9.88 4.53
N PRO A 288 -3.67 10.26 4.16
CA PRO A 288 -4.80 9.52 4.75
C PRO A 288 -5.06 8.18 4.03
N SER A 289 -4.28 7.16 4.43
CA SER A 289 -4.34 5.84 3.80
C SER A 289 -5.74 5.34 3.57
N GLY A 290 -6.08 5.06 2.32
CA GLY A 290 -7.39 4.53 2.01
C GLY A 290 -8.16 5.37 1.00
N CYS A 291 -7.82 6.66 0.92
CA CYS A 291 -8.43 7.55 -0.06
C CYS A 291 -7.92 7.19 -1.43
N SER A 292 -8.52 7.78 -2.45
CA SER A 292 -8.10 7.52 -3.82
C SER A 292 -6.61 7.85 -4.06
N GLY A 293 -5.91 6.91 -4.67
CA GLY A 293 -4.52 7.09 -5.04
C GLY A 293 -3.47 7.17 -3.95
N THR A 294 -3.82 6.85 -2.70
CA THR A 294 -2.83 6.97 -1.66
C THR A 294 -1.53 6.19 -1.85
N SER A 295 -1.62 4.96 -2.35
CA SER A 295 -0.44 4.13 -2.60
C SER A 295 0.40 4.78 -3.68
N ILE A 296 -0.24 5.28 -4.73
CA ILE A 296 0.50 5.94 -5.77
C ILE A 296 1.17 7.22 -5.27
N PHE A 297 0.40 8.07 -4.62
CA PHE A 297 0.96 9.31 -4.10
C PHE A 297 2.03 9.04 -3.03
N ASN A 298 1.82 8.05 -2.18
CA ASN A 298 2.82 7.72 -1.16
C ASN A 298 4.13 7.35 -1.86
N SER A 299 4.01 6.58 -2.94
CA SER A 299 5.13 6.08 -3.72
C SER A 299 5.88 7.24 -4.39
N MET A 300 5.12 8.17 -4.96
CA MET A 300 5.69 9.32 -5.63
C MET A 300 6.46 10.15 -4.61
N ILE A 301 5.84 10.37 -3.46
CA ILE A 301 6.47 11.14 -2.39
C ILE A 301 7.76 10.45 -1.95
N ASN A 302 7.74 9.13 -1.83
CA ASN A 302 8.93 8.34 -1.44
C ASN A 302 10.08 8.56 -2.43
N ASN A 303 9.73 8.68 -3.70
CA ASN A 303 10.72 8.97 -4.73
C ASN A 303 11.37 10.32 -4.52
N ILE A 304 10.59 11.28 -4.05
CA ILE A 304 11.09 12.62 -3.74
C ILE A 304 11.96 12.56 -2.48
N ILE A 305 11.46 11.87 -1.46
CA ILE A 305 12.17 11.74 -0.21
C ILE A 305 13.54 11.18 -0.35
N ILE A 306 13.63 9.98 -0.88
CA ILE A 306 14.93 9.31 -0.94
C ILE A 306 15.94 10.08 -1.74
N ARG A 307 15.51 10.69 -2.84
CA ARG A 307 16.41 11.48 -3.64
C ARG A 307 16.89 12.66 -2.81
N THR A 308 15.95 13.25 -2.06
CA THR A 308 16.24 14.39 -1.19
C THR A 308 17.31 14.04 -0.17
N LEU A 309 17.15 12.91 0.50
CA LEU A 309 18.12 12.50 1.50
C LEU A 309 19.51 12.20 0.91
N MET A 310 19.55 11.61 -0.28
CA MET A 310 20.81 11.29 -0.91
C MET A 310 21.49 12.59 -1.34
N LEU A 311 20.72 13.51 -1.87
CA LEU A 311 21.29 14.77 -2.31
C LEU A 311 21.84 15.52 -1.10
N LYS A 312 21.15 15.39 0.03
CA LYS A 312 21.54 16.12 1.21
C LYS A 312 22.79 15.59 1.83
N VAL A 313 22.88 14.27 1.92
CA VAL A 313 24.00 13.59 2.56
C VAL A 313 25.20 13.43 1.63
N TYR A 314 24.93 13.10 0.36
CA TYR A 314 25.98 12.87 -0.61
C TYR A 314 25.91 13.92 -1.70
N LYS A 315 26.56 15.04 -1.43
CA LYS A 315 26.60 16.15 -2.37
C LYS A 315 27.13 15.75 -3.74
N GLY A 316 28.03 14.77 -3.79
CA GLY A 316 28.55 14.30 -5.07
C GLY A 316 27.72 13.23 -5.77
N ILE A 317 26.58 12.86 -5.19
CA ILE A 317 25.71 11.82 -5.76
C ILE A 317 25.32 12.08 -7.21
N ASP A 318 25.27 11.04 -8.02
CA ASP A 318 24.79 11.19 -9.38
C ASP A 318 23.43 10.46 -9.48
N LEU A 319 22.33 11.18 -9.38
CA LEU A 319 21.00 10.54 -9.36
C LEU A 319 20.66 9.74 -10.62
N ASP A 320 21.33 10.06 -11.71
CA ASP A 320 21.09 9.33 -12.96
C ASP A 320 21.52 7.88 -12.86
N GLN A 321 22.29 7.57 -11.82
CA GLN A 321 22.77 6.20 -11.61
C GLN A 321 22.04 5.52 -10.44
N PHE A 322 21.18 6.29 -9.77
CA PHE A 322 20.34 5.79 -8.69
C PHE A 322 19.04 5.21 -9.31
N ARG A 323 18.57 4.11 -8.74
CA ARG A 323 17.33 3.46 -9.18
C ARG A 323 16.57 3.08 -7.93
N MET A 324 15.25 3.23 -7.99
CA MET A 324 14.44 2.78 -6.88
C MET A 324 13.03 2.38 -7.33
N ILE A 325 12.43 1.46 -6.58
CA ILE A 325 11.06 1.03 -6.82
C ILE A 325 10.41 1.11 -5.45
N ALA A 326 9.32 1.87 -5.38
CA ALA A 326 8.57 2.03 -4.12
C ALA A 326 7.15 1.47 -4.25
N TYR A 327 6.62 0.93 -3.16
CA TYR A 327 5.21 0.57 -3.09
C TYR A 327 4.76 1.28 -1.80
N GLY A 328 4.34 2.54 -1.92
CA GLY A 328 4.05 3.36 -0.75
C GLY A 328 5.36 3.59 0.00
N ASP A 329 5.41 3.15 1.24
CA ASP A 329 6.61 3.27 2.09
C ASP A 329 7.70 2.22 1.81
N ASP A 330 7.31 1.07 1.25
CA ASP A 330 8.20 -0.05 0.95
C ASP A 330 9.08 0.30 -0.25
N VAL A 331 10.40 0.17 -0.07
CA VAL A 331 11.33 0.57 -1.12
C VAL A 331 12.42 -0.44 -1.31
N ILE A 332 12.83 -0.59 -2.55
CA ILE A 332 14.00 -1.37 -2.87
C ILE A 332 14.68 -0.52 -3.94
N ALA A 333 15.95 -0.23 -3.69
CA ALA A 333 16.72 0.68 -4.56
C ALA A 333 18.12 0.18 -4.81
N SER A 334 18.85 0.91 -5.63
CA SER A 334 20.23 0.56 -5.85
C SER A 334 21.05 1.76 -6.34
N TYR A 335 22.35 1.72 -6.03
CA TYR A 335 23.29 2.75 -6.45
C TYR A 335 24.60 2.05 -6.79
N PRO A 336 25.39 2.58 -7.77
CA PRO A 336 26.56 1.75 -8.09
C PRO A 336 27.65 1.69 -7.00
N TRP A 337 27.62 2.62 -6.06
CA TRP A 337 28.57 2.62 -4.96
C TRP A 337 27.82 2.37 -3.68
N PRO A 338 28.53 1.87 -2.66
CA PRO A 338 27.88 1.62 -1.36
C PRO A 338 27.33 2.91 -0.77
N ILE A 339 26.19 2.82 -0.10
CA ILE A 339 25.52 3.99 0.50
C ILE A 339 25.21 3.69 1.96
N ASP A 340 25.44 4.66 2.84
CA ASP A 340 25.23 4.41 4.25
C ASP A 340 23.83 4.85 4.60
N ALA A 341 22.93 3.86 4.72
CA ALA A 341 21.53 4.14 5.02
C ALA A 341 21.28 4.74 6.42
N SER A 342 22.20 4.54 7.35
CA SER A 342 22.03 5.13 8.67
C SER A 342 22.16 6.64 8.53
N LEU A 343 23.02 7.05 7.61
CA LEU A 343 23.20 8.47 7.38
C LEU A 343 21.90 9.02 6.81
N LEU A 344 21.33 8.36 5.79
CA LEU A 344 20.06 8.78 5.20
C LEU A 344 18.95 8.84 6.26
N ALA A 345 18.95 7.88 7.17
CA ALA A 345 17.95 7.87 8.24
C ALA A 345 18.04 9.12 9.14
N GLU A 346 19.26 9.58 9.41
CA GLU A 346 19.45 10.76 10.26
C GLU A 346 18.94 11.97 9.49
N ALA A 347 19.24 12.00 8.20
CA ALA A 347 18.76 13.10 7.37
C ALA A 347 17.24 13.12 7.35
N GLY A 348 16.65 11.93 7.26
CA GLY A 348 15.21 11.75 7.24
C GLY A 348 14.59 12.21 8.55
N LYS A 349 15.25 11.87 9.65
CA LYS A 349 14.77 12.31 10.97
C LYS A 349 14.62 13.84 11.06
N GLY A 350 15.52 14.59 10.43
CA GLY A 350 15.40 16.03 10.38
C GLY A 350 14.19 16.45 9.57
N TYR A 351 13.66 15.53 8.77
CA TYR A 351 12.51 15.84 7.92
C TYR A 351 11.24 15.24 8.50
N GLY A 352 11.33 14.75 9.74
CA GLY A 352 10.22 14.15 10.41
C GLY A 352 9.90 12.73 9.95
N LEU A 353 10.88 12.00 9.42
CA LEU A 353 10.68 10.62 8.98
C LEU A 353 11.42 9.68 9.91
N ILE A 354 10.82 8.54 10.22
CA ILE A 354 11.45 7.54 11.07
C ILE A 354 11.85 6.34 10.20
N MET A 355 13.13 6.25 9.86
CA MET A 355 13.65 5.16 9.04
C MET A 355 14.49 4.27 9.92
N THR A 356 14.30 2.95 9.74
CA THR A 356 15.01 1.95 10.53
C THR A 356 15.64 0.92 9.60
N PRO A 357 16.50 0.03 10.14
CA PRO A 357 17.03 -0.97 9.19
C PRO A 357 15.93 -1.84 8.60
N ALA A 358 16.16 -2.31 7.39
CA ALA A 358 15.25 -3.22 6.69
C ALA A 358 14.93 -4.46 7.50
N ASP A 359 13.64 -4.81 7.56
CA ASP A 359 13.22 -6.04 8.21
C ASP A 359 13.54 -6.20 9.67
N LYS A 360 13.24 -5.16 10.45
CA LYS A 360 13.45 -5.22 11.88
C LYS A 360 14.88 -5.58 12.23
N GLY A 361 15.81 -5.18 11.37
CA GLY A 361 17.21 -5.37 11.62
C GLY A 361 17.69 -4.38 12.69
N GLU A 362 18.74 -4.75 13.40
CA GLU A 362 19.27 -3.90 14.47
C GLU A 362 20.28 -2.90 13.90
N CYS A 363 20.87 -3.27 12.77
CA CYS A 363 21.85 -2.41 12.13
C CYS A 363 21.55 -2.19 10.66
N PHE A 364 21.86 -0.99 10.18
CA PHE A 364 21.68 -0.73 8.76
C PHE A 364 22.76 -1.57 8.08
N ASN A 365 22.49 -2.88 8.01
CA ASN A 365 23.43 -3.85 7.46
C ASN A 365 23.47 -3.85 5.95
N GLU A 366 24.30 -4.71 5.40
CA GLU A 366 24.33 -4.81 3.96
C GLU A 366 23.05 -5.54 3.54
N VAL A 367 22.45 -5.00 2.49
CA VAL A 367 21.29 -5.58 1.90
C VAL A 367 21.86 -6.38 0.74
N THR A 368 21.51 -7.65 0.69
CA THR A 368 21.97 -8.56 -0.37
C THR A 368 20.72 -9.10 -1.07
N TRP A 369 20.91 -9.76 -2.20
CA TRP A 369 19.81 -10.39 -2.91
C TRP A 369 19.30 -11.58 -2.12
N THR A 370 20.10 -12.04 -1.16
CA THR A 370 19.72 -13.15 -0.31
C THR A 370 18.74 -12.71 0.77
N ASN A 371 19.01 -11.54 1.37
CA ASN A 371 18.18 -11.05 2.48
C ASN A 371 17.18 -10.00 2.11
N ALA A 372 17.26 -9.48 0.90
CA ALA A 372 16.33 -8.42 0.47
C ALA A 372 14.89 -8.97 0.42
N THR A 373 13.92 -8.15 0.87
CA THR A 373 12.49 -8.43 0.74
C THR A 373 11.81 -7.19 0.18
N PHE A 374 10.68 -7.37 -0.50
CA PHE A 374 9.93 -6.27 -1.06
C PHE A 374 8.52 -6.86 -1.10
N LEU A 375 7.52 -6.11 -0.64
CA LEU A 375 6.14 -6.62 -0.53
C LEU A 375 6.20 -7.92 0.28
N LYS A 376 7.15 -7.96 1.23
CA LYS A 376 7.33 -9.09 2.14
C LYS A 376 7.96 -10.28 1.49
N ARG A 377 8.22 -10.20 0.20
CA ARG A 377 8.77 -11.35 -0.51
C ARG A 377 10.27 -11.32 -0.72
N TYR A 378 10.90 -12.49 -0.63
CA TYR A 378 12.32 -12.65 -0.96
C TYR A 378 12.45 -12.85 -2.47
N PHE A 379 13.69 -12.86 -2.94
CA PHE A 379 14.03 -13.04 -4.34
C PHE A 379 14.90 -14.31 -4.45
N ARG A 380 14.44 -15.28 -5.21
CA ARG A 380 15.22 -16.50 -5.40
C ARG A 380 15.19 -16.91 -6.85
N ALA A 381 16.35 -16.87 -7.49
CA ALA A 381 16.53 -17.28 -8.88
C ALA A 381 16.05 -18.70 -9.07
N ASP A 382 15.31 -18.93 -10.16
CA ASP A 382 14.92 -20.28 -10.50
C ASP A 382 16.22 -21.07 -10.77
N GLU A 383 16.25 -22.31 -10.29
CA GLU A 383 17.35 -23.24 -10.49
C GLU A 383 17.54 -23.63 -11.96
N GLN A 384 16.45 -23.80 -12.69
CA GLN A 384 16.58 -24.23 -14.06
C GLN A 384 16.75 -23.09 -15.04
N TYR A 385 15.98 -22.03 -14.84
CA TYR A 385 16.03 -20.82 -15.67
C TYR A 385 16.49 -19.64 -14.80
N PRO A 386 17.80 -19.45 -14.69
CA PRO A 386 18.38 -18.45 -13.78
C PRO A 386 17.96 -17.00 -13.96
N PHE A 387 17.47 -16.65 -15.16
CA PHE A 387 17.01 -15.30 -15.43
C PHE A 387 15.59 -15.06 -14.90
N LEU A 388 14.94 -16.13 -14.42
CA LEU A 388 13.59 -16.01 -13.86
C LEU A 388 13.74 -16.02 -12.36
N VAL A 389 13.07 -15.07 -11.71
CA VAL A 389 13.18 -14.94 -10.26
C VAL A 389 11.83 -15.19 -9.58
N HIS A 390 11.85 -16.05 -8.58
CA HIS A 390 10.64 -16.34 -7.83
C HIS A 390 10.46 -15.29 -6.74
N PRO A 391 9.24 -14.73 -6.62
CA PRO A 391 8.88 -13.90 -5.45
C PRO A 391 8.64 -14.95 -4.36
N VAL A 392 9.38 -14.90 -3.26
CA VAL A 392 9.19 -15.93 -2.23
C VAL A 392 8.51 -15.41 -0.96
N MET A 393 7.20 -15.58 -0.84
CA MET A 393 6.51 -15.25 0.40
C MET A 393 6.87 -16.30 1.48
N PRO A 394 7.41 -15.86 2.61
CA PRO A 394 7.72 -16.87 3.64
C PRO A 394 6.51 -17.77 4.03
N MET A 395 6.78 -19.05 4.26
CA MET A 395 5.76 -20.00 4.64
C MET A 395 5.05 -19.57 5.96
N LYS A 396 5.82 -18.94 6.85
CA LYS A 396 5.30 -18.40 8.11
C LYS A 396 4.12 -17.47 7.84
N ASP A 397 4.27 -16.55 6.88
CA ASP A 397 3.19 -15.63 6.51
C ASP A 397 2.00 -16.33 5.91
N ILE A 398 2.27 -17.35 5.09
CA ILE A 398 1.22 -18.11 4.46
C ILE A 398 0.44 -18.86 5.55
N HIS A 399 1.18 -19.41 6.50
CA HIS A 399 0.57 -20.10 7.65
C HIS A 399 -0.29 -19.18 8.49
N GLU A 400 0.16 -17.94 8.68
CA GLU A 400 -0.58 -16.99 9.53
C GLU A 400 -1.91 -16.74 8.88
N SER A 401 -1.89 -16.46 7.60
CA SER A 401 -3.10 -16.19 6.85
C SER A 401 -4.13 -17.34 6.80
N ILE A 402 -3.66 -18.56 6.56
CA ILE A 402 -4.57 -19.70 6.41
C ILE A 402 -5.36 -20.06 7.67
N ARG A 403 -4.85 -19.63 8.82
CA ARG A 403 -5.47 -19.97 10.10
C ARG A 403 -6.70 -19.18 10.50
N TRP A 404 -7.05 -18.18 9.71
CA TRP A 404 -8.17 -17.31 10.02
C TRP A 404 -8.99 -17.04 8.79
N THR A 405 -10.22 -16.58 8.99
CA THR A 405 -11.05 -16.27 7.86
C THR A 405 -12.06 -15.23 8.25
N LYS A 406 -12.42 -14.37 7.27
CA LYS A 406 -13.47 -13.39 7.47
C LYS A 406 -14.78 -13.93 6.92
N ASP A 407 -14.71 -14.99 6.11
CA ASP A 407 -15.88 -15.62 5.51
C ASP A 407 -15.48 -16.98 4.93
N PRO A 408 -15.74 -18.05 5.68
CA PRO A 408 -15.43 -19.43 5.26
C PRO A 408 -16.09 -19.85 3.94
N LYS A 409 -17.04 -19.07 3.46
CA LYS A 409 -17.65 -19.36 2.18
C LYS A 409 -16.65 -19.13 1.05
N ASN A 410 -15.56 -18.42 1.35
CA ASN A 410 -14.54 -18.15 0.33
C ASN A 410 -13.28 -18.98 0.53
N THR A 411 -13.40 -20.06 1.29
CA THR A 411 -12.25 -20.91 1.58
C THR A 411 -11.47 -21.27 0.31
N GLN A 412 -12.20 -21.60 -0.75
CA GLN A 412 -11.56 -22.05 -1.96
C GLN A 412 -10.66 -20.96 -2.58
N ASP A 413 -11.17 -19.75 -2.69
CA ASP A 413 -10.37 -18.66 -3.23
C ASP A 413 -9.20 -18.31 -2.31
N HIS A 414 -9.47 -18.29 -1.03
CA HIS A 414 -8.45 -17.97 -0.06
C HIS A 414 -7.29 -18.96 -0.17
N VAL A 415 -7.61 -20.25 -0.08
CA VAL A 415 -6.57 -21.29 -0.15
C VAL A 415 -5.85 -21.33 -1.50
N ARG A 416 -6.59 -21.13 -2.57
CA ARG A 416 -5.99 -21.13 -3.89
C ARG A 416 -4.96 -19.96 -3.96
N SER A 417 -5.36 -18.79 -3.49
CA SER A 417 -4.45 -17.64 -3.47
C SER A 417 -3.17 -17.95 -2.74
N LEU A 418 -3.30 -18.64 -1.61
CA LEU A 418 -2.12 -18.95 -0.82
C LEU A 418 -1.27 -19.98 -1.54
N CYS A 419 -1.90 -20.82 -2.33
CA CYS A 419 -1.16 -21.84 -3.07
C CYS A 419 -0.31 -21.15 -4.13
N LEU A 420 -0.87 -20.14 -4.79
CA LEU A 420 -0.13 -19.37 -5.79
C LEU A 420 1.09 -18.70 -5.14
N LEU A 421 1.01 -18.41 -3.85
CA LEU A 421 2.14 -17.84 -3.15
C LEU A 421 3.10 -18.94 -2.70
N ALA A 422 2.55 -19.98 -2.08
CA ALA A 422 3.37 -21.04 -1.48
C ALA A 422 4.33 -21.81 -2.38
N TRP A 423 3.89 -22.19 -3.57
CA TRP A 423 4.73 -23.04 -4.46
C TRP A 423 6.14 -22.46 -4.74
N HIS A 424 6.24 -21.13 -4.71
CA HIS A 424 7.53 -20.51 -4.95
C HIS A 424 8.55 -20.89 -3.90
N ASN A 425 8.07 -21.48 -2.81
CA ASN A 425 8.95 -21.90 -1.74
C ASN A 425 9.62 -23.22 -2.05
N GLY A 426 9.20 -23.87 -3.13
CA GLY A 426 9.78 -25.15 -3.50
C GLY A 426 8.80 -26.30 -3.43
N GLU A 427 9.13 -27.39 -4.13
CA GLU A 427 8.28 -28.57 -4.19
C GLU A 427 8.03 -29.27 -2.86
N HIS A 428 9.09 -29.51 -2.09
CA HIS A 428 8.94 -30.13 -0.79
C HIS A 428 8.02 -29.30 0.15
N GLU A 429 8.26 -28.00 0.25
CA GLU A 429 7.48 -27.12 1.10
C GLU A 429 6.05 -27.12 0.60
N TYR A 430 5.88 -27.07 -0.72
CA TYR A 430 4.55 -27.10 -1.28
C TYR A 430 3.80 -28.41 -0.97
N GLU A 431 4.47 -29.56 -1.13
CA GLU A 431 3.76 -30.81 -0.90
C GLU A 431 3.36 -30.91 0.56
N GLU A 432 4.21 -30.39 1.43
CA GLU A 432 3.91 -30.39 2.86
C GLU A 432 2.69 -29.51 3.19
N PHE A 433 2.63 -28.31 2.60
CA PHE A 433 1.52 -27.37 2.72
C PHE A 433 0.21 -28.06 2.31
N ILE A 434 0.24 -28.67 1.14
CA ILE A 434 -0.88 -29.41 0.57
C ILE A 434 -1.31 -30.60 1.47
N ARG A 435 -0.32 -31.35 1.97
CA ARG A 435 -0.59 -32.50 2.82
C ARG A 435 -1.32 -32.03 4.07
N LYS A 436 -0.84 -30.94 4.66
CA LYS A 436 -1.47 -30.37 5.87
C LYS A 436 -2.87 -29.82 5.59
N ILE A 437 -3.07 -29.22 4.43
CA ILE A 437 -4.40 -28.73 4.06
C ILE A 437 -5.40 -29.90 3.97
N ARG A 438 -4.93 -30.98 3.35
CA ARG A 438 -5.74 -32.20 3.20
C ARG A 438 -5.85 -33.04 4.46
N SER A 439 -5.22 -32.60 5.56
CA SER A 439 -5.33 -33.32 6.81
C SER A 439 -6.66 -33.00 7.52
N VAL A 440 -7.47 -32.16 6.91
CA VAL A 440 -8.79 -31.85 7.44
C VAL A 440 -9.73 -32.03 6.27
N PRO A 441 -10.94 -32.57 6.53
CA PRO A 441 -11.86 -32.83 5.43
C PRO A 441 -12.10 -31.68 4.44
N VAL A 442 -12.20 -30.44 4.93
CA VAL A 442 -12.45 -29.31 4.04
C VAL A 442 -11.34 -29.25 2.99
N GLY A 443 -10.11 -29.52 3.41
CA GLY A 443 -8.94 -29.52 2.54
C GLY A 443 -9.05 -30.43 1.32
N ARG A 444 -9.76 -31.56 1.48
CA ARG A 444 -9.95 -32.52 0.39
C ARG A 444 -11.14 -32.22 -0.47
N CYS A 445 -11.88 -31.15 -0.15
CA CYS A 445 -13.04 -30.75 -0.97
C CYS A 445 -12.67 -29.64 -1.91
N LEU A 446 -11.42 -29.19 -1.79
CA LEU A 446 -10.93 -28.08 -2.59
C LEU A 446 -10.14 -28.51 -3.82
N THR A 447 -10.26 -27.70 -4.85
CA THR A 447 -9.52 -27.89 -6.08
C THR A 447 -8.23 -27.11 -5.86
N LEU A 448 -7.16 -27.84 -5.55
CA LEU A 448 -5.86 -27.26 -5.26
C LEU A 448 -4.93 -27.50 -6.46
N PRO A 449 -4.16 -26.46 -6.88
CA PRO A 449 -3.34 -26.75 -8.06
C PRO A 449 -2.17 -27.64 -7.77
N ALA A 450 -1.82 -28.46 -8.78
CA ALA A 450 -0.66 -29.33 -8.69
C ALA A 450 0.58 -28.43 -8.80
N PHE A 451 1.65 -28.80 -8.14
CA PHE A 451 2.88 -28.06 -8.25
C PHE A 451 3.29 -27.94 -9.69
N SER A 452 3.27 -29.04 -10.42
CA SER A 452 3.73 -29.06 -11.81
C SER A 452 2.91 -28.11 -12.67
N THR A 453 1.64 -27.99 -12.34
CA THR A 453 0.76 -27.08 -13.06
C THR A 453 1.15 -25.64 -12.74
N LEU A 454 1.42 -25.36 -11.48
CA LEU A 454 1.81 -24.00 -11.06
C LEU A 454 3.10 -23.59 -11.78
N ARG A 455 4.09 -24.49 -11.72
CA ARG A 455 5.36 -24.24 -12.37
C ARG A 455 5.19 -24.04 -13.87
N ARG A 456 4.39 -24.88 -14.48
CA ARG A 456 4.21 -24.79 -15.91
C ARG A 456 3.57 -23.49 -16.31
N LYS A 457 2.48 -23.14 -15.64
CA LYS A 457 1.81 -21.89 -15.95
C LYS A 457 2.69 -20.69 -15.66
N TRP A 458 3.56 -20.78 -14.66
CA TRP A 458 4.45 -19.67 -14.34
C TRP A 458 5.46 -19.46 -15.49
N LEU A 459 6.15 -20.54 -15.88
CA LEU A 459 7.08 -20.49 -17.00
C LEU A 459 6.39 -19.99 -18.26
N ASP A 460 5.20 -20.49 -18.57
CA ASP A 460 4.48 -20.02 -19.75
C ASP A 460 4.08 -18.55 -19.72
N SER A 461 3.85 -18.00 -18.53
CA SER A 461 3.41 -16.60 -18.45
C SER A 461 4.40 -15.61 -19.01
N PHE A 462 5.67 -15.97 -19.04
CA PHE A 462 6.67 -15.06 -19.56
C PHE A 462 6.71 -15.06 -21.09
N HIS A 463 5.75 -15.75 -21.72
CA HIS A 463 5.74 -15.85 -23.18
C HIS A 463 4.80 -14.89 -23.84
N HIS A 464 3.85 -14.40 -23.07
CA HIS A 464 2.77 -13.56 -23.56
C HIS A 464 3.05 -12.10 -23.34
N HIS A 465 3.27 -11.39 -24.44
CA HIS A 465 3.54 -9.96 -24.43
C HIS A 465 2.56 -9.24 -23.50
N HIS A 466 3.08 -8.24 -22.81
CA HIS A 466 2.27 -7.43 -21.90
C HIS A 466 2.27 -5.97 -22.33
N HIS A 467 1.08 -5.39 -22.39
CA HIS A 467 0.93 -3.99 -22.80
C HIS A 467 1.41 -2.99 -21.72
N HIS A 468 2.15 -1.97 -22.17
CA HIS A 468 2.67 -0.92 -21.29
C HIS A 468 2.21 0.44 -21.83
N PRO B 7 20.23 -12.80 -8.28
CA PRO B 7 19.74 -13.23 -6.97
C PRO B 7 20.21 -14.61 -6.52
N ASN B 8 19.92 -14.90 -5.24
CA ASN B 8 20.23 -16.20 -4.67
C ASN B 8 19.25 -17.26 -5.25
N GLN B 9 19.67 -18.51 -5.37
CA GLN B 9 18.76 -19.56 -5.81
C GLN B 9 18.23 -20.22 -4.52
N LYS B 10 17.07 -20.85 -4.62
CA LYS B 10 16.48 -21.50 -3.45
C LYS B 10 17.45 -22.51 -2.80
N PRO B 11 18.06 -23.41 -3.62
CA PRO B 11 19.01 -24.41 -3.10
C PRO B 11 20.21 -23.82 -2.34
N ARG B 12 20.68 -22.66 -2.77
CA ARG B 12 21.80 -21.99 -2.10
C ARG B 12 21.33 -21.25 -0.85
N VAL B 13 20.12 -20.69 -0.92
CA VAL B 13 19.56 -19.97 0.23
C VAL B 13 18.06 -20.22 0.48
N PRO B 14 17.70 -20.42 1.74
CA PRO B 14 16.30 -20.70 2.04
C PRO B 14 15.57 -19.45 2.50
N THR B 15 14.29 -19.63 2.83
CA THR B 15 13.47 -18.54 3.30
C THR B 15 12.59 -18.97 4.49
#